data_6XX6
#
_entry.id   6XX6
#
_cell.length_a   61.98
_cell.length_b   61.98
_cell.length_c   227.73
_cell.angle_alpha   90.0
_cell.angle_beta   90.0
_cell.angle_gamma   90.0
#
_symmetry.space_group_name_H-M   'P 41 21 2'
#
loop_
_entity.id
_entity.type
_entity.pdbx_description
1 polymer 'Casein kinase II subunit alpha-1'
2 non-polymer 'PIVALIC ACID'
3 non-polymer 'SULFATE ION'
4 non-polymer 'CHLORIDE ION'
5 non-polymer 'TRIETHYLENE GLYCOL'
6 water water
#
_entity_poly.entity_id   1
_entity_poly.type   'polypeptide(L)'
_entity_poly.pdbx_seq_one_letter_code
;MMSKARVYTEVNVIRPKDYWDYESLIVQWGEQDDYEVVRKVGRGKYSEVFEGINVNSKEKCIIKILKPVKKKKIRREIKI
LQNLCGGPNIVKLLDVVRDQHSKTPSLIFEYVNSTDFKVLYPTLTDYDIRYYIYELLKALDFCHSQGIMHRDVKPHNVMI
DHELRKLRLIDWGLAEFYHPGKEYNVRVASRYFKGPELLVDLQDYDYSLDMWSLGCMFAGMIFRKEPFFYGHDNQDQLVK
IAKVLGTDELNAYLNKYQLELDPQLEALVGRHSRKPWSKFINADNQHLVSPEAIDFLDKLLRYDHQDRLTAKEAMAHAYF
AQVRAAETSRMRSQLEHHHHHH
;
_entity_poly.pdbx_strand_id   A
#
# COMPACT_ATOMS: atom_id res chain seq x y z
N MET A 2 22.49 -10.06 -3.53
CA MET A 2 21.24 -9.60 -2.91
C MET A 2 20.16 -9.40 -3.98
N SER A 3 18.91 -9.44 -3.56
CA SER A 3 17.80 -9.16 -4.47
C SER A 3 17.76 -7.68 -4.83
N LYS A 4 17.38 -7.39 -6.07
CA LYS A 4 17.20 -6.01 -6.52
CA LYS A 4 17.20 -6.02 -6.52
C LYS A 4 15.91 -5.90 -7.32
N ALA A 5 15.30 -4.72 -7.27
CA ALA A 5 14.05 -4.47 -7.97
C ALA A 5 14.20 -4.72 -9.47
N ARG A 6 13.16 -5.34 -10.06
CA ARG A 6 13.04 -5.55 -11.50
C ARG A 6 12.90 -4.24 -12.27
N VAL A 7 12.22 -3.26 -11.68
CA VAL A 7 11.94 -1.98 -12.33
C VAL A 7 12.35 -0.86 -11.41
N TYR A 8 12.56 0.32 -12.00
CA TYR A 8 12.85 1.53 -11.21
C TYR A 8 14.02 1.31 -10.25
N THR A 9 14.98 0.50 -10.67
CA THR A 9 16.03 0.02 -9.77
C THR A 9 16.95 1.15 -9.31
N GLU A 10 17.28 2.08 -10.21
CA GLU A 10 18.33 3.08 -9.96
C GLU A 10 17.78 4.48 -9.79
N VAL A 11 16.46 4.62 -9.58
CA VAL A 11 15.86 5.95 -9.51
CA VAL A 11 15.86 5.95 -9.51
CA VAL A 11 15.87 5.96 -9.51
C VAL A 11 16.58 6.83 -8.49
N ASN A 12 16.85 6.28 -7.31
CA ASN A 12 17.52 7.07 -6.28
C ASN A 12 19.04 7.06 -6.40
N VAL A 13 19.60 6.21 -7.24
CA VAL A 13 21.03 6.32 -7.54
C VAL A 13 21.27 7.53 -8.43
N ILE A 14 20.37 7.80 -9.38
N ILE A 14 20.36 7.80 -9.37
CA ILE A 14 20.60 8.89 -10.33
CA ILE A 14 20.57 8.87 -10.33
C ILE A 14 20.07 10.23 -9.83
C ILE A 14 20.13 10.22 -9.77
N ARG A 15 19.15 10.23 -8.87
CA ARG A 15 18.71 11.49 -8.29
C ARG A 15 19.74 11.98 -7.26
N PRO A 16 19.84 13.29 -7.07
CA PRO A 16 20.81 13.83 -6.11
C PRO A 16 20.45 13.43 -4.68
N LYS A 17 21.47 13.46 -3.81
CA LYS A 17 21.28 12.99 -2.44
C LYS A 17 20.13 13.72 -1.75
N ASP A 18 19.97 15.02 -2.04
CA ASP A 18 18.93 15.80 -1.40
CA ASP A 18 18.93 15.79 -1.39
C ASP A 18 17.53 15.24 -1.67
N TYR A 19 17.37 14.46 -2.74
CA TYR A 19 16.05 13.89 -3.02
C TYR A 19 15.67 12.85 -1.97
N TRP A 20 16.60 11.97 -1.62
CA TRP A 20 16.28 10.83 -0.75
C TRP A 20 16.82 10.95 0.67
N ASP A 21 17.65 11.95 0.96
CA ASP A 21 18.25 12.09 2.29
C ASP A 21 17.29 12.79 3.25
N TYR A 22 16.21 12.09 3.60
CA TYR A 22 15.17 12.73 4.40
C TYR A 22 15.64 13.10 5.80
N GLU A 23 16.65 12.41 6.33
CA GLU A 23 17.11 12.74 7.67
C GLU A 23 17.66 14.15 7.75
N SER A 24 18.16 14.69 6.64
CA SER A 24 18.69 16.05 6.64
C SER A 24 17.61 17.10 6.44
N LEU A 25 16.36 16.71 6.26
CA LEU A 25 15.31 17.67 5.94
C LEU A 25 15.21 18.74 7.02
N ILE A 26 15.14 20.00 6.60
CA ILE A 26 14.89 21.12 7.49
C ILE A 26 13.43 21.50 7.30
N VAL A 27 12.60 21.22 8.31
CA VAL A 27 11.16 21.40 8.18
C VAL A 27 10.83 22.88 8.31
N GLN A 28 10.07 23.40 7.34
CA GLN A 28 9.62 24.79 7.34
C GLN A 28 8.22 24.81 7.92
N TRP A 29 8.12 25.17 9.20
CA TRP A 29 6.86 25.06 9.92
C TRP A 29 5.92 26.20 9.54
N GLY A 30 4.66 25.87 9.28
CA GLY A 30 3.64 26.85 8.98
C GLY A 30 3.04 27.42 10.25
N GLU A 31 1.81 27.94 10.11
CA GLU A 31 1.10 28.59 11.20
CA GLU A 31 1.10 28.59 11.20
C GLU A 31 0.08 27.61 11.79
N GLN A 32 0.32 27.16 13.02
CA GLN A 32 -0.59 26.22 13.67
C GLN A 32 -2.01 26.79 13.77
N ASP A 33 -2.12 28.10 13.99
CA ASP A 33 -3.43 28.74 14.16
C ASP A 33 -4.23 28.85 12.87
N ASP A 34 -3.62 28.57 11.71
CA ASP A 34 -4.34 28.71 10.45
C ASP A 34 -5.38 27.61 10.22
N TYR A 35 -5.33 26.52 10.99
CA TYR A 35 -6.17 25.36 10.74
C TYR A 35 -6.88 24.95 12.03
N GLU A 36 -8.18 24.70 11.95
CA GLU A 36 -8.98 24.27 13.09
C GLU A 36 -9.64 22.93 12.79
N VAL A 37 -9.70 22.07 13.80
CA VAL A 37 -10.39 20.80 13.67
C VAL A 37 -11.90 21.04 13.62
N VAL A 38 -12.59 20.22 12.82
CA VAL A 38 -14.05 20.27 12.73
C VAL A 38 -14.68 18.97 13.25
N ARG A 39 -14.19 17.83 12.79
CA ARG A 39 -14.71 16.55 13.26
C ARG A 39 -13.66 15.47 13.00
N LYS A 40 -13.77 14.39 13.76
CA LYS A 40 -12.79 13.31 13.66
C LYS A 40 -13.18 12.36 12.53
N VAL A 41 -12.17 11.97 11.73
CA VAL A 41 -12.39 11.13 10.57
C VAL A 41 -11.86 9.70 10.78
N GLY A 42 -10.78 9.53 11.53
CA GLY A 42 -10.20 8.21 11.69
C GLY A 42 -9.06 8.24 12.67
N ARG A 43 -8.64 7.04 13.07
CA ARG A 43 -7.58 6.87 14.06
C ARG A 43 -6.63 5.79 13.58
N GLY A 44 -5.40 5.85 14.09
CA GLY A 44 -4.38 4.89 13.72
C GLY A 44 -3.34 4.79 14.81
N LYS A 45 -2.46 3.80 14.65
CA LYS A 45 -1.41 3.57 15.64
C LYS A 45 -0.46 4.75 15.79
N TYR A 46 -0.34 5.59 14.76
CA TYR A 46 0.64 6.67 14.78
C TYR A 46 0.03 8.07 14.66
N SER A 47 -1.30 8.19 14.59
CA SER A 47 -1.91 9.50 14.40
C SER A 47 -3.41 9.40 14.57
N GLU A 48 -4.05 10.56 14.65
CA GLU A 48 -5.48 10.69 14.49
C GLU A 48 -5.75 11.71 13.40
N VAL A 49 -6.76 11.45 12.57
CA VAL A 49 -7.05 12.24 11.38
C VAL A 49 -8.38 12.94 11.59
N PHE A 50 -8.41 14.24 11.30
CA PHE A 50 -9.60 15.05 11.43
C PHE A 50 -9.90 15.76 10.13
N GLU A 51 -11.19 15.98 9.89
CA GLU A 51 -11.61 16.99 8.93
C GLU A 51 -11.42 18.35 9.56
N GLY A 52 -10.79 19.27 8.85
CA GLY A 52 -10.50 20.59 9.37
C GLY A 52 -10.92 21.68 8.40
N ILE A 53 -10.64 22.92 8.80
CA ILE A 53 -10.90 24.08 7.97
C ILE A 53 -9.70 25.02 8.08
N ASN A 54 -9.30 25.58 6.94
CA ASN A 54 -8.38 26.71 6.92
C ASN A 54 -9.17 27.94 7.35
N VAL A 55 -8.81 28.54 8.48
CA VAL A 55 -9.62 29.63 9.03
C VAL A 55 -9.51 30.89 8.18
N ASN A 56 -8.47 31.03 7.37
CA ASN A 56 -8.33 32.21 6.52
C ASN A 56 -9.11 32.05 5.22
N SER A 57 -8.75 31.04 4.42
CA SER A 57 -9.43 30.82 3.15
C SER A 57 -10.79 30.14 3.31
N LYS A 58 -11.05 29.53 4.47
CA LYS A 58 -12.28 28.79 4.77
C LYS A 58 -12.35 27.46 4.04
N GLU A 59 -11.31 27.08 3.31
CA GLU A 59 -11.30 25.81 2.59
C GLU A 59 -11.23 24.65 3.58
N LYS A 60 -11.79 23.52 3.17
CA LYS A 60 -11.70 22.31 3.96
C LYS A 60 -10.34 21.67 3.79
N CYS A 61 -9.92 20.93 4.81
CA CYS A 61 -8.64 20.23 4.75
C CYS A 61 -8.74 19.00 5.64
N ILE A 62 -7.72 18.15 5.53
CA ILE A 62 -7.52 17.05 6.46
C ILE A 62 -6.36 17.43 7.37
N ILE A 63 -6.54 17.22 8.68
CA ILE A 63 -5.53 17.51 9.69
C ILE A 63 -5.12 16.19 10.33
N LYS A 64 -3.86 15.81 10.15
CA LYS A 64 -3.32 14.57 10.71
C LYS A 64 -2.42 14.93 11.89
N ILE A 65 -2.87 14.60 13.10
CA ILE A 65 -2.12 14.91 14.31
C ILE A 65 -1.28 13.70 14.69
N LEU A 66 0.03 13.87 14.71
CA LEU A 66 0.96 12.75 14.87
C LEU A 66 1.19 12.46 16.34
N LYS A 67 1.06 11.19 16.71
CA LYS A 67 1.48 10.74 18.02
C LYS A 67 3.00 10.82 18.13
N PRO A 68 3.53 10.85 19.35
CA PRO A 68 4.98 10.97 19.52
C PRO A 68 5.74 9.95 18.70
N VAL A 69 6.71 10.42 17.91
CA VAL A 69 7.57 9.56 17.13
C VAL A 69 8.88 10.30 16.88
N LYS A 70 9.91 9.55 16.51
CA LYS A 70 11.22 10.14 16.29
C LYS A 70 11.16 11.18 15.18
N LYS A 71 12.02 12.20 15.29
CA LYS A 71 12.07 13.24 14.28
C LYS A 71 12.41 12.67 12.92
N LYS A 72 13.26 11.63 12.87
CA LYS A 72 13.63 11.06 11.59
C LYS A 72 12.44 10.47 10.86
N LYS A 73 11.49 9.89 11.59
CA LYS A 73 10.33 9.28 10.96
C LYS A 73 9.37 10.33 10.41
N ILE A 74 9.19 11.44 11.13
CA ILE A 74 8.33 12.51 10.63
CA ILE A 74 8.33 12.50 10.62
C ILE A 74 8.96 13.16 9.40
N ARG A 75 10.27 13.38 9.42
CA ARG A 75 10.94 13.93 8.25
C ARG A 75 10.82 12.99 7.06
N ARG A 76 10.85 11.68 7.32
CA ARG A 76 10.68 10.73 6.22
C ARG A 76 9.32 10.90 5.55
N GLU A 77 8.24 10.95 6.34
CA GLU A 77 6.92 11.10 5.76
C GLU A 77 6.79 12.43 5.00
N ILE A 78 7.28 13.52 5.59
CA ILE A 78 7.18 14.83 4.93
C ILE A 78 7.96 14.82 3.61
N LYS A 79 9.21 14.37 3.66
CA LYS A 79 10.03 14.34 2.45
C LYS A 79 9.35 13.55 1.34
N ILE A 80 8.80 12.39 1.68
CA ILE A 80 8.16 11.56 0.68
C ILE A 80 6.91 12.25 0.14
N LEU A 81 6.10 12.83 1.02
CA LEU A 81 4.91 13.54 0.58
C LEU A 81 5.27 14.72 -0.34
N GLN A 82 6.34 15.44 -0.01
CA GLN A 82 6.78 16.53 -0.86
C GLN A 82 7.27 16.02 -2.21
N ASN A 83 7.98 14.90 -2.22
CA ASN A 83 8.50 14.35 -3.46
C ASN A 83 7.38 13.85 -4.37
N LEU A 84 6.25 13.41 -3.81
CA LEU A 84 5.14 12.91 -4.59
C LEU A 84 4.03 13.94 -4.81
N CYS A 85 4.20 15.15 -4.29
CA CYS A 85 3.10 16.13 -4.26
C CYS A 85 2.56 16.40 -5.65
N GLY A 86 1.26 16.23 -5.83
CA GLY A 86 0.61 16.47 -7.10
C GLY A 86 0.59 15.29 -8.05
N GLY A 87 1.18 14.15 -7.67
CA GLY A 87 1.17 12.97 -8.50
C GLY A 87 -0.22 12.34 -8.55
N PRO A 88 -0.44 11.44 -9.50
CA PRO A 88 -1.80 10.90 -9.71
C PRO A 88 -2.27 10.07 -8.52
N ASN A 89 -3.40 10.48 -7.95
CA ASN A 89 -4.08 9.74 -6.91
C ASN A 89 -3.26 9.63 -5.63
N ILE A 90 -2.33 10.55 -5.42
CA ILE A 90 -1.56 10.63 -4.18
C ILE A 90 -2.17 11.74 -3.33
N VAL A 91 -2.37 11.46 -2.04
CA VAL A 91 -2.83 12.51 -1.13
C VAL A 91 -1.86 13.69 -1.20
N LYS A 92 -2.40 14.90 -1.09
CA LYS A 92 -1.64 16.11 -1.37
C LYS A 92 -1.37 16.87 -0.08
N LEU A 93 -0.09 16.92 0.32
CA LEU A 93 0.31 17.68 1.49
C LEU A 93 0.31 19.17 1.19
N LEU A 94 -0.37 19.94 2.03
CA LEU A 94 -0.45 21.40 1.89
C LEU A 94 0.40 22.17 2.88
N ASP A 95 0.61 21.65 4.08
CA ASP A 95 1.28 22.44 5.12
C ASP A 95 1.70 21.50 6.24
N VAL A 96 2.67 21.96 7.02
CA VAL A 96 3.18 21.24 8.18
C VAL A 96 3.29 22.24 9.32
N VAL A 97 2.64 21.95 10.45
CA VAL A 97 2.55 22.88 11.57
C VAL A 97 2.78 22.12 12.87
N ARG A 98 3.01 22.87 13.94
CA ARG A 98 3.13 22.22 15.24
C ARG A 98 2.69 23.18 16.33
N ASP A 99 2.15 22.59 17.40
CA ASP A 99 1.76 23.35 18.57
C ASP A 99 3.00 23.87 19.28
N GLN A 100 3.03 25.16 19.58
CA GLN A 100 4.22 25.79 20.15
C GLN A 100 4.46 25.38 21.60
N HIS A 101 3.44 24.85 22.28
CA HIS A 101 3.59 24.47 23.68
C HIS A 101 3.89 22.98 23.84
N SER A 102 3.14 22.13 23.15
CA SER A 102 3.36 20.70 23.25
C SER A 102 4.34 20.17 22.20
N LYS A 103 4.65 20.96 21.17
CA LYS A 103 5.50 20.57 20.06
C LYS A 103 4.89 19.46 19.21
N THR A 104 3.63 19.14 19.42
CA THR A 104 2.99 18.10 18.62
C THR A 104 2.83 18.57 17.18
N PRO A 105 3.34 17.85 16.19
CA PRO A 105 3.17 18.25 14.80
C PRO A 105 1.88 17.73 14.18
N SER A 106 1.35 18.52 13.25
CA SER A 106 0.22 18.14 12.42
C SER A 106 0.58 18.33 10.95
N LEU A 107 0.18 17.36 10.12
CA LEU A 107 0.29 17.49 8.68
C LEU A 107 -1.06 17.88 8.10
N ILE A 108 -1.06 18.84 7.18
CA ILE A 108 -2.30 19.39 6.61
C ILE A 108 -2.40 18.92 5.16
N PHE A 109 -3.53 18.28 4.82
CA PHE A 109 -3.73 17.75 3.49
C PHE A 109 -4.96 18.35 2.83
N GLU A 110 -4.97 18.31 1.50
CA GLU A 110 -6.17 18.61 0.75
C GLU A 110 -7.29 17.65 1.15
N TYR A 111 -8.51 18.18 1.24
CA TYR A 111 -9.61 17.40 1.80
C TYR A 111 -10.06 16.29 0.84
N VAL A 112 -10.42 15.14 1.42
CA VAL A 112 -10.96 14.01 0.68
C VAL A 112 -12.22 13.52 1.42
N ASN A 113 -13.35 13.45 0.72
CA ASN A 113 -14.63 13.01 1.29
C ASN A 113 -14.80 11.52 1.00
N SER A 114 -14.28 10.68 1.90
CA SER A 114 -14.21 9.25 1.67
CA SER A 114 -14.20 9.24 1.68
C SER A 114 -15.37 8.50 2.32
N THR A 115 -15.56 7.26 1.89
CA THR A 115 -16.50 6.31 2.48
C THR A 115 -15.70 5.11 2.98
N ASP A 116 -15.96 4.69 4.22
CA ASP A 116 -15.15 3.62 4.80
C ASP A 116 -15.31 2.32 4.02
N PHE A 117 -14.19 1.62 3.82
CA PHE A 117 -14.23 0.42 3.00
C PHE A 117 -15.19 -0.63 3.56
N LYS A 118 -15.39 -0.66 4.88
CA LYS A 118 -16.30 -1.64 5.45
C LYS A 118 -17.74 -1.40 5.02
N VAL A 119 -18.07 -0.18 4.62
CA VAL A 119 -19.39 0.12 4.06
C VAL A 119 -19.37 0.06 2.53
N LEU A 120 -18.30 0.57 1.91
CA LEU A 120 -18.25 0.66 0.45
C LEU A 120 -18.04 -0.69 -0.20
N TYR A 121 -17.06 -1.47 0.26
CA TYR A 121 -16.65 -2.65 -0.49
C TYR A 121 -17.79 -3.64 -0.71
N PRO A 122 -18.66 -3.91 0.27
CA PRO A 122 -19.76 -4.87 0.04
C PRO A 122 -20.75 -4.41 -1.03
N THR A 123 -20.75 -3.14 -1.42
CA THR A 123 -21.66 -2.65 -2.45
C THR A 123 -20.97 -2.39 -3.79
N LEU A 124 -19.65 -2.58 -3.86
CA LEU A 124 -18.93 -2.34 -5.11
C LEU A 124 -19.37 -3.33 -6.17
N THR A 125 -19.67 -2.84 -7.37
CA THR A 125 -19.96 -3.69 -8.51
C THR A 125 -18.67 -4.16 -9.17
N ASP A 126 -18.83 -5.10 -10.10
CA ASP A 126 -17.69 -5.60 -10.87
C ASP A 126 -16.93 -4.47 -11.54
N TYR A 127 -17.64 -3.57 -12.25
CA TYR A 127 -16.91 -2.52 -12.95
C TYR A 127 -16.22 -1.57 -11.98
N ASP A 128 -16.86 -1.26 -10.85
CA ASP A 128 -16.21 -0.35 -9.91
C ASP A 128 -14.96 -0.97 -9.27
N ILE A 129 -14.95 -2.28 -9.02
CA ILE A 129 -13.71 -2.88 -8.55
C ILE A 129 -12.61 -2.69 -9.59
N ARG A 130 -12.91 -2.95 -10.85
CA ARG A 130 -11.91 -2.76 -11.90
C ARG A 130 -11.45 -1.31 -11.96
N TYR A 131 -12.39 -0.36 -11.88
CA TYR A 131 -12.03 1.05 -11.97
C TYR A 131 -11.15 1.47 -10.80
N TYR A 132 -11.53 1.12 -9.57
CA TYR A 132 -10.80 1.61 -8.41
C TYR A 132 -9.44 0.93 -8.26
N ILE A 133 -9.34 -0.36 -8.58
CA ILE A 133 -8.01 -0.99 -8.52
C ILE A 133 -7.11 -0.39 -9.58
N TYR A 134 -7.65 -0.09 -10.77
CA TYR A 134 -6.85 0.58 -11.78
C TYR A 134 -6.38 1.94 -11.28
N GLU A 135 -7.26 2.71 -10.63
CA GLU A 135 -6.86 4.01 -10.09
C GLU A 135 -5.78 3.85 -9.02
N LEU A 136 -5.88 2.82 -8.20
CA LEU A 136 -4.84 2.58 -7.20
C LEU A 136 -3.52 2.21 -7.86
N LEU A 137 -3.58 1.45 -8.96
CA LEU A 137 -2.35 1.09 -9.68
C LEU A 137 -1.64 2.32 -10.25
N LYS A 138 -2.40 3.35 -10.66
CA LYS A 138 -1.76 4.59 -11.11
C LYS A 138 -0.93 5.21 -10.00
N ALA A 139 -1.46 5.23 -8.77
CA ALA A 139 -0.71 5.76 -7.64
C ALA A 139 0.54 4.95 -7.37
N LEU A 140 0.44 3.61 -7.41
CA LEU A 140 1.60 2.77 -7.12
C LEU A 140 2.65 2.85 -8.22
N ASP A 141 2.24 2.85 -9.49
CA ASP A 141 3.23 3.02 -10.54
C ASP A 141 3.93 4.36 -10.40
N PHE A 142 3.19 5.42 -10.06
CA PHE A 142 3.83 6.73 -9.90
C PHE A 142 4.81 6.72 -8.74
N CYS A 143 4.37 6.30 -7.55
CA CYS A 143 5.30 6.38 -6.43
C CYS A 143 6.49 5.45 -6.62
N HIS A 144 6.28 4.28 -7.22
CA HIS A 144 7.42 3.40 -7.53
C HIS A 144 8.36 4.05 -8.54
N SER A 145 7.81 4.69 -9.57
CA SER A 145 8.65 5.37 -10.55
C SER A 145 9.47 6.48 -9.89
N GLN A 146 8.98 7.04 -8.79
CA GLN A 146 9.69 8.06 -8.03
C GLN A 146 10.61 7.46 -6.97
N GLY A 147 10.87 6.17 -7.04
CA GLY A 147 11.78 5.52 -6.10
C GLY A 147 11.23 5.33 -4.70
N ILE A 148 9.91 5.22 -4.55
CA ILE A 148 9.30 5.14 -3.23
C ILE A 148 8.40 3.92 -3.12
N MET A 149 8.55 3.16 -2.02
CA MET A 149 7.66 2.06 -1.66
CA MET A 149 7.60 2.10 -1.73
C MET A 149 6.68 2.55 -0.60
N HIS A 150 5.38 2.29 -0.77
CA HIS A 150 4.39 2.74 0.22
C HIS A 150 4.49 1.92 1.50
N ARG A 151 4.53 0.59 1.38
CA ARG A 151 4.74 -0.36 2.47
C ARG A 151 3.58 -0.42 3.46
N ASP A 152 2.41 0.11 3.12
CA ASP A 152 1.24 -0.08 3.98
C ASP A 152 -0.04 0.01 3.14
N VAL A 153 -0.04 -0.64 1.98
CA VAL A 153 -1.23 -0.67 1.14
C VAL A 153 -2.28 -1.54 1.83
N LYS A 154 -3.46 -0.97 2.05
CA LYS A 154 -4.59 -1.68 2.65
C LYS A 154 -5.83 -0.80 2.48
N PRO A 155 -7.03 -1.39 2.61
CA PRO A 155 -8.24 -0.61 2.33
C PRO A 155 -8.34 0.67 3.16
N HIS A 156 -7.86 0.66 4.40
CA HIS A 156 -7.94 1.85 5.24
C HIS A 156 -7.07 2.98 4.71
N ASN A 157 -6.02 2.68 3.94
CA ASN A 157 -5.14 3.72 3.39
C ASN A 157 -5.50 4.05 1.95
N VAL A 158 -6.68 3.66 1.49
CA VAL A 158 -7.16 3.98 0.15
C VAL A 158 -8.47 4.72 0.34
N MET A 159 -8.43 6.05 0.26
CA MET A 159 -9.61 6.87 0.44
CA MET A 159 -9.61 6.87 0.44
C MET A 159 -10.32 7.04 -0.91
N ILE A 160 -11.58 6.62 -0.96
CA ILE A 160 -12.38 6.64 -2.18
C ILE A 160 -13.55 7.58 -1.96
N ASP A 161 -13.63 8.64 -2.75
CA ASP A 161 -14.83 9.46 -2.82
C ASP A 161 -15.70 8.86 -3.91
N HIS A 162 -16.71 8.09 -3.49
CA HIS A 162 -17.41 7.24 -4.44
C HIS A 162 -18.28 8.07 -5.40
N GLU A 163 -18.89 9.15 -4.92
CA GLU A 163 -19.76 9.90 -5.81
C GLU A 163 -18.96 10.63 -6.88
N LEU A 164 -17.77 11.13 -6.53
CA LEU A 164 -16.88 11.75 -7.50
C LEU A 164 -15.97 10.75 -8.19
N ARG A 165 -15.97 9.49 -7.75
CA ARG A 165 -15.10 8.47 -8.32
C ARG A 165 -13.64 8.88 -8.27
N LYS A 166 -13.25 9.47 -7.15
CA LYS A 166 -11.88 9.90 -6.90
C LYS A 166 -11.27 8.98 -5.86
N LEU A 167 -10.00 8.62 -6.08
CA LEU A 167 -9.26 7.75 -5.18
C LEU A 167 -7.95 8.41 -4.80
N ARG A 168 -7.58 8.30 -3.51
CA ARG A 168 -6.31 8.82 -3.00
C ARG A 168 -5.63 7.77 -2.14
N LEU A 169 -4.39 7.46 -2.46
CA LEU A 169 -3.55 6.62 -1.62
C LEU A 169 -2.99 7.48 -0.50
N ILE A 170 -3.32 7.15 0.75
CA ILE A 170 -2.96 8.00 1.88
C ILE A 170 -1.98 7.32 2.84
N ASP A 171 -1.61 8.05 3.90
CA ASP A 171 -0.76 7.63 5.02
C ASP A 171 0.57 7.05 4.56
N TRP A 172 1.51 7.95 4.31
CA TRP A 172 2.85 7.62 3.85
C TRP A 172 3.82 7.50 5.02
N GLY A 173 3.31 7.30 6.23
CA GLY A 173 4.14 7.23 7.42
C GLY A 173 5.02 5.99 7.51
N LEU A 174 4.72 4.95 6.73
CA LEU A 174 5.56 3.74 6.69
C LEU A 174 6.40 3.65 5.42
N ALA A 175 6.24 4.61 4.50
CA ALA A 175 6.88 4.51 3.20
C ALA A 175 8.38 4.74 3.32
N GLU A 176 9.13 4.24 2.34
CA GLU A 176 10.57 4.40 2.32
C GLU A 176 11.07 4.58 0.89
N PHE A 177 12.27 5.11 0.78
CA PHE A 177 12.98 5.19 -0.49
C PHE A 177 13.61 3.85 -0.81
N TYR A 178 13.43 3.37 -2.04
CA TYR A 178 14.09 2.14 -2.47
C TYR A 178 15.53 2.45 -2.87
N HIS A 179 16.48 1.76 -2.23
CA HIS A 179 17.90 1.85 -2.57
C HIS A 179 18.40 0.44 -2.89
N PRO A 180 18.88 0.18 -4.10
CA PRO A 180 19.26 -1.20 -4.44
C PRO A 180 20.34 -1.71 -3.50
N GLY A 181 20.09 -2.89 -2.93
CA GLY A 181 21.00 -3.52 -2.00
C GLY A 181 20.72 -3.27 -0.53
N LYS A 182 19.65 -2.54 -0.21
CA LYS A 182 19.38 -2.17 1.17
C LYS A 182 18.57 -3.25 1.88
N GLU A 183 18.93 -3.53 3.13
CA GLU A 183 18.17 -4.42 4.00
C GLU A 183 17.22 -3.57 4.84
N TYR A 184 15.92 -3.71 4.60
CA TYR A 184 14.88 -2.91 5.24
C TYR A 184 14.37 -3.61 6.49
N ASN A 185 13.72 -2.83 7.36
CA ASN A 185 12.98 -3.40 8.48
C ASN A 185 11.79 -4.19 7.95
N VAL A 186 11.56 -5.39 8.49
CA VAL A 186 10.40 -6.15 8.02
C VAL A 186 9.15 -5.86 8.83
N ARG A 187 9.23 -5.02 9.87
CA ARG A 187 8.06 -4.67 10.67
C ARG A 187 7.35 -3.47 10.04
N VAL A 188 6.79 -3.72 8.86
CA VAL A 188 6.06 -2.70 8.11
C VAL A 188 4.73 -3.31 7.66
N ALA A 189 3.96 -2.52 6.92
CA ALA A 189 2.61 -2.91 6.49
C ALA A 189 1.75 -3.26 7.68
N SER A 190 0.55 -3.78 7.43
CA SER A 190 -0.35 -4.25 8.46
C SER A 190 -0.55 -5.75 8.24
N ARG A 191 -0.79 -6.48 9.34
CA ARG A 191 -0.68 -7.94 9.34
C ARG A 191 -1.29 -8.61 8.11
N TYR A 192 -2.58 -8.35 7.85
CA TYR A 192 -3.30 -9.11 6.81
C TYR A 192 -2.73 -8.86 5.42
N PHE A 193 -1.97 -7.79 5.23
CA PHE A 193 -1.43 -7.42 3.92
C PHE A 193 0.08 -7.54 3.85
N LYS A 194 0.71 -8.18 4.84
CA LYS A 194 2.15 -8.38 4.81
C LYS A 194 2.53 -9.42 3.76
N GLY A 195 3.50 -9.07 2.90
CA GLY A 195 4.02 -10.01 1.93
C GLY A 195 4.84 -11.10 2.60
N PRO A 196 4.95 -12.27 1.96
CA PRO A 196 5.77 -13.35 2.52
CA PRO A 196 5.77 -13.35 2.55
C PRO A 196 7.18 -12.93 2.87
N GLU A 197 7.74 -11.93 2.17
CA GLU A 197 9.10 -11.48 2.45
C GLU A 197 9.21 -10.93 3.88
N LEU A 198 8.18 -10.24 4.35
CA LEU A 198 8.19 -9.74 5.71
C LEU A 198 8.05 -10.86 6.73
N LEU A 199 7.41 -11.95 6.35
CA LEU A 199 7.10 -13.04 7.27
C LEU A 199 8.20 -14.08 7.34
N VAL A 200 9.14 -14.06 6.41
CA VAL A 200 10.27 -14.99 6.39
C VAL A 200 11.60 -14.28 6.56
N ASP A 201 11.57 -12.97 6.82
CA ASP A 201 12.76 -12.19 7.14
C ASP A 201 13.63 -11.96 5.90
N LEU A 202 13.00 -11.75 4.75
CA LEU A 202 13.74 -11.35 3.55
C LEU A 202 13.76 -9.83 3.55
N GLN A 203 14.90 -9.25 3.95
CA GLN A 203 14.98 -7.82 4.19
C GLN A 203 15.25 -7.01 2.93
N ASP A 204 15.85 -7.61 1.90
CA ASP A 204 16.18 -6.87 0.67
C ASP A 204 15.01 -6.92 -0.31
N TYR A 205 13.84 -6.48 0.16
CA TYR A 205 12.62 -6.43 -0.64
C TYR A 205 12.53 -5.10 -1.39
N ASP A 206 11.47 -4.93 -2.17
CA ASP A 206 11.40 -3.75 -3.04
C ASP A 206 9.95 -3.38 -3.28
N TYR A 207 9.71 -2.58 -4.33
CA TYR A 207 8.36 -2.10 -4.64
C TYR A 207 7.34 -3.22 -4.73
N SER A 208 7.78 -4.42 -5.10
CA SER A 208 6.84 -5.52 -5.32
C SER A 208 6.12 -5.92 -4.02
N LEU A 209 6.63 -5.53 -2.85
CA LEU A 209 5.87 -5.70 -1.62
C LEU A 209 4.50 -5.07 -1.73
N ASP A 210 4.43 -3.87 -2.32
CA ASP A 210 3.13 -3.19 -2.48
C ASP A 210 2.18 -4.00 -3.36
N MET A 211 2.73 -4.73 -4.33
CA MET A 211 1.88 -5.49 -5.25
C MET A 211 1.29 -6.73 -4.57
N TRP A 212 2.01 -7.33 -3.62
CA TRP A 212 1.39 -8.36 -2.78
C TRP A 212 0.21 -7.78 -2.00
N SER A 213 0.45 -6.67 -1.30
CA SER A 213 -0.62 -6.05 -0.52
C SER A 213 -1.82 -5.72 -1.41
N LEU A 214 -1.56 -5.23 -2.62
CA LEU A 214 -2.66 -4.97 -3.55
CA LEU A 214 -2.67 -4.96 -3.53
C LEU A 214 -3.44 -6.24 -3.83
N GLY A 215 -2.74 -7.36 -4.04
CA GLY A 215 -3.42 -8.62 -4.32
C GLY A 215 -4.30 -9.10 -3.17
N CYS A 216 -3.83 -8.90 -1.93
CA CYS A 216 -4.66 -9.20 -0.77
C CYS A 216 -5.95 -8.39 -0.79
N MET A 217 -5.83 -7.07 -1.01
CA MET A 217 -7.01 -6.22 -1.14
CA MET A 217 -7.01 -6.22 -1.12
C MET A 217 -7.92 -6.71 -2.25
N PHE A 218 -7.34 -6.99 -3.43
CA PHE A 218 -8.14 -7.41 -4.58
C PHE A 218 -8.87 -8.72 -4.29
N ALA A 219 -8.16 -9.71 -3.73
CA ALA A 219 -8.82 -10.96 -3.34
C ALA A 219 -9.97 -10.69 -2.38
N GLY A 220 -9.74 -9.85 -1.37
CA GLY A 220 -10.81 -9.53 -0.44
C GLY A 220 -12.03 -8.94 -1.13
N MET A 221 -11.81 -8.14 -2.17
CA MET A 221 -12.93 -7.49 -2.85
C MET A 221 -13.71 -8.44 -3.73
N ILE A 222 -13.02 -9.21 -4.59
CA ILE A 222 -13.78 -10.01 -5.55
C ILE A 222 -14.39 -11.24 -4.89
N PHE A 223 -13.82 -11.72 -3.79
CA PHE A 223 -14.39 -12.86 -3.08
C PHE A 223 -15.27 -12.43 -1.92
N ARG A 224 -15.36 -11.13 -1.64
CA ARG A 224 -16.14 -10.63 -0.52
C ARG A 224 -15.73 -11.37 0.76
N LYS A 225 -14.42 -11.40 1.00
CA LYS A 225 -13.84 -12.15 2.11
C LYS A 225 -12.75 -11.26 2.70
N GLU A 226 -13.09 -10.52 3.75
CA GLU A 226 -12.23 -9.44 4.24
C GLU A 226 -11.87 -9.66 5.70
N PRO A 227 -10.59 -9.81 6.05
CA PRO A 227 -9.48 -9.86 5.10
C PRO A 227 -9.39 -11.24 4.46
N PHE A 228 -8.70 -11.36 3.32
CA PHE A 228 -8.62 -12.65 2.67
C PHE A 228 -7.70 -13.61 3.43
N PHE A 229 -6.53 -13.13 3.83
CA PHE A 229 -5.59 -13.93 4.65
C PHE A 229 -5.71 -13.42 6.09
N TYR A 230 -6.41 -14.19 6.92
CA TYR A 230 -6.79 -13.75 8.26
C TYR A 230 -5.91 -14.43 9.33
N GLY A 231 -4.70 -13.92 9.48
CA GLY A 231 -3.81 -14.40 10.52
C GLY A 231 -4.05 -13.71 11.85
N HIS A 232 -3.70 -14.41 12.94
CA HIS A 232 -3.83 -13.87 14.28
C HIS A 232 -2.50 -13.36 14.85
N ASP A 233 -1.40 -13.56 14.14
CA ASP A 233 -0.12 -12.94 14.44
C ASP A 233 0.76 -13.17 13.21
N ASN A 234 2.00 -12.69 13.26
CA ASN A 234 2.83 -12.69 12.05
C ASN A 234 3.14 -14.11 11.60
N GLN A 235 3.34 -15.03 12.54
CA GLN A 235 3.59 -16.41 12.16
C GLN A 235 2.34 -17.04 11.58
N ASP A 236 1.20 -16.89 12.27
CA ASP A 236 -0.05 -17.44 11.75
C ASP A 236 -0.40 -16.84 10.39
N GLN A 237 0.05 -15.61 10.12
CA GLN A 237 -0.26 -15.00 8.83
C GLN A 237 0.38 -15.79 7.70
N LEU A 238 1.60 -16.29 7.91
CA LEU A 238 2.23 -17.12 6.88
C LEU A 238 1.51 -18.45 6.73
N VAL A 239 1.05 -19.02 7.85
CA VAL A 239 0.26 -20.24 7.80
C VAL A 239 -0.97 -20.06 6.92
N LYS A 240 -1.71 -18.96 7.13
CA LYS A 240 -2.92 -18.73 6.34
CA LYS A 240 -2.92 -18.73 6.34
C LYS A 240 -2.59 -18.60 4.87
N ILE A 241 -1.45 -17.99 4.55
CA ILE A 241 -1.05 -17.88 3.15
C ILE A 241 -0.70 -19.24 2.58
N ALA A 242 0.08 -20.03 3.34
CA ALA A 242 0.58 -21.31 2.83
C ALA A 242 -0.55 -22.31 2.62
N LYS A 243 -1.62 -22.20 3.41
CA LYS A 243 -2.79 -23.04 3.22
C LYS A 243 -3.54 -22.75 1.93
N VAL A 244 -3.23 -21.64 1.26
CA VAL A 244 -3.84 -21.29 -0.02
C VAL A 244 -2.86 -21.50 -1.17
N LEU A 245 -1.70 -20.84 -1.10
CA LEU A 245 -0.71 -20.94 -2.18
C LEU A 245 0.03 -22.26 -2.19
N GLY A 246 -0.03 -23.03 -1.10
CA GLY A 246 0.71 -24.29 -1.01
C GLY A 246 2.14 -24.07 -0.52
N THR A 247 2.73 -25.16 0.00
CA THR A 247 4.07 -25.07 0.57
C THR A 247 5.19 -25.39 -0.41
N ASP A 248 4.90 -26.09 -1.52
CA ASP A 248 5.93 -26.35 -2.51
C ASP A 248 6.61 -25.07 -2.98
N GLU A 249 5.83 -24.07 -3.37
CA GLU A 249 6.43 -22.84 -3.88
C GLU A 249 7.04 -22.01 -2.77
N LEU A 250 6.55 -22.16 -1.54
CA LEU A 250 7.22 -21.53 -0.41
C LEU A 250 8.61 -22.11 -0.23
N ASN A 251 8.72 -23.44 -0.22
CA ASN A 251 10.02 -24.07 -0.04
C ASN A 251 10.97 -23.67 -1.17
N ALA A 252 10.47 -23.61 -2.41
CA ALA A 252 11.35 -23.17 -3.50
C ALA A 252 11.80 -21.73 -3.26
N TYR A 253 10.89 -20.89 -2.76
CA TYR A 253 11.21 -19.49 -2.47
C TYR A 253 12.29 -19.39 -1.39
N LEU A 254 12.12 -20.13 -0.29
CA LEU A 254 13.13 -20.11 0.77
C LEU A 254 14.47 -20.60 0.25
N ASN A 255 14.48 -21.61 -0.61
CA ASN A 255 15.74 -22.10 -1.14
CA ASN A 255 15.75 -22.10 -1.14
C ASN A 255 16.41 -21.06 -2.03
N LYS A 256 15.63 -20.41 -2.91
CA LYS A 256 16.21 -19.44 -3.83
C LYS A 256 16.93 -18.32 -3.08
N TYR A 257 16.36 -17.84 -1.99
CA TYR A 257 16.94 -16.71 -1.29
C TYR A 257 17.74 -17.14 -0.07
N GLN A 258 18.03 -18.45 0.07
CA GLN A 258 18.88 -18.97 1.14
C GLN A 258 18.32 -18.61 2.52
N LEU A 259 17.01 -18.76 2.66
CA LEU A 259 16.31 -18.54 3.91
C LEU A 259 15.84 -19.88 4.46
N GLU A 260 15.67 -19.95 5.78
CA GLU A 260 14.99 -21.06 6.40
C GLU A 260 14.10 -20.55 7.53
N LEU A 261 12.96 -21.21 7.70
CA LEU A 261 12.03 -20.82 8.75
C LEU A 261 12.57 -21.23 10.12
N ASP A 262 12.32 -20.40 11.13
CA ASP A 262 12.48 -20.80 12.52
C ASP A 262 11.77 -22.14 12.73
N PRO A 263 12.29 -23.03 13.58
CA PRO A 263 11.58 -24.30 13.82
C PRO A 263 10.16 -24.11 14.33
N GLN A 264 9.94 -23.07 15.15
CA GLN A 264 8.59 -22.83 15.66
C GLN A 264 7.64 -22.50 14.52
N LEU A 265 8.13 -21.76 13.52
CA LEU A 265 7.29 -21.40 12.37
C LEU A 265 7.15 -22.56 11.40
N GLU A 266 8.22 -23.35 11.23
CA GLU A 266 8.15 -24.50 10.34
C GLU A 266 7.07 -25.48 10.78
N ALA A 267 6.99 -25.75 12.08
CA ALA A 267 5.94 -26.64 12.60
C ALA A 267 4.55 -26.10 12.26
N LEU A 268 4.35 -24.79 12.37
CA LEU A 268 3.03 -24.21 12.11
C LEU A 268 2.67 -24.28 10.63
N VAL A 269 3.64 -24.05 9.74
CA VAL A 269 3.35 -23.98 8.32
C VAL A 269 2.96 -25.36 7.76
N GLY A 270 3.60 -26.41 8.24
CA GLY A 270 3.26 -27.76 7.78
C GLY A 270 3.48 -27.96 6.29
N ARG A 271 2.59 -28.77 5.70
CA ARG A 271 2.63 -29.10 4.27
C ARG A 271 1.22 -28.93 3.70
N HIS A 272 1.12 -28.25 2.56
CA HIS A 272 -0.19 -27.95 1.99
C HIS A 272 -0.12 -27.89 0.47
N SER A 273 -1.13 -28.46 -0.17
CA SER A 273 -1.26 -28.31 -1.61
CA SER A 273 -1.26 -28.31 -1.61
C SER A 273 -1.76 -26.91 -1.95
N ARG A 274 -1.46 -26.47 -3.16
CA ARG A 274 -2.03 -25.22 -3.64
C ARG A 274 -3.53 -25.40 -3.85
N LYS A 275 -4.32 -24.43 -3.39
CA LYS A 275 -5.76 -24.48 -3.62
C LYS A 275 -6.12 -23.59 -4.82
N PRO A 276 -6.91 -24.10 -5.77
CA PRO A 276 -7.30 -23.27 -6.92
C PRO A 276 -8.13 -22.09 -6.45
N TRP A 277 -7.95 -20.96 -7.14
CA TRP A 277 -8.72 -19.77 -6.81
C TRP A 277 -10.23 -20.02 -6.95
N SER A 278 -10.63 -20.89 -7.88
CA SER A 278 -12.04 -21.18 -8.06
C SER A 278 -12.69 -21.74 -6.80
N LYS A 279 -11.89 -22.30 -5.89
CA LYS A 279 -12.43 -22.82 -4.63
CA LYS A 279 -12.45 -22.82 -4.65
C LYS A 279 -13.10 -21.73 -3.80
N PHE A 280 -12.78 -20.47 -4.04
CA PHE A 280 -13.34 -19.38 -3.25
C PHE A 280 -14.60 -18.78 -3.86
N ILE A 281 -14.97 -19.20 -5.08
CA ILE A 281 -16.20 -18.69 -5.69
C ILE A 281 -17.41 -19.24 -4.95
N ASN A 282 -18.41 -18.38 -4.76
CA ASN A 282 -19.70 -18.83 -4.26
C ASN A 282 -20.80 -17.98 -4.91
N ALA A 283 -22.05 -18.36 -4.65
CA ALA A 283 -23.17 -17.67 -5.29
C ALA A 283 -23.17 -16.18 -5.00
N ASP A 284 -22.72 -15.78 -3.80
CA ASP A 284 -22.76 -14.37 -3.46
C ASP A 284 -21.69 -13.55 -4.16
N ASN A 285 -20.57 -14.15 -4.55
CA ASN A 285 -19.49 -13.39 -5.16
C ASN A 285 -19.22 -13.74 -6.61
N GLN A 286 -19.98 -14.69 -7.21
CA GLN A 286 -19.64 -15.15 -8.55
C GLN A 286 -19.68 -14.01 -9.57
N HIS A 287 -20.55 -13.03 -9.37
CA HIS A 287 -20.67 -11.93 -10.32
C HIS A 287 -19.41 -11.06 -10.36
N LEU A 288 -18.50 -11.20 -9.40
CA LEU A 288 -17.27 -10.42 -9.37
C LEU A 288 -16.05 -11.22 -9.80
N VAL A 289 -16.18 -12.53 -9.99
CA VAL A 289 -15.06 -13.40 -10.33
C VAL A 289 -15.21 -13.82 -11.78
N SER A 290 -14.24 -13.46 -12.59
CA SER A 290 -14.19 -13.87 -13.99
C SER A 290 -12.88 -14.63 -14.19
N PRO A 291 -12.71 -15.32 -15.31
CA PRO A 291 -11.39 -15.89 -15.60
C PRO A 291 -10.30 -14.83 -15.60
N GLU A 292 -10.60 -13.62 -16.08
CA GLU A 292 -9.59 -12.56 -16.11
C GLU A 292 -9.25 -12.08 -14.71
N ALA A 293 -10.23 -11.96 -13.82
CA ALA A 293 -9.95 -11.57 -12.46
C ALA A 293 -9.05 -12.59 -11.77
N ILE A 294 -9.33 -13.88 -11.96
CA ILE A 294 -8.51 -14.92 -11.34
C ILE A 294 -7.09 -14.87 -11.88
N ASP A 295 -6.93 -14.74 -13.21
CA ASP A 295 -5.58 -14.71 -13.77
C ASP A 295 -4.78 -13.53 -13.22
N PHE A 296 -5.40 -12.35 -13.16
CA PHE A 296 -4.75 -11.17 -12.60
C PHE A 296 -4.36 -11.39 -11.14
N LEU A 297 -5.31 -11.84 -10.32
CA LEU A 297 -5.00 -12.10 -8.92
C LEU A 297 -3.88 -13.11 -8.79
N ASP A 298 -3.91 -14.16 -9.62
CA ASP A 298 -2.91 -15.22 -9.54
C ASP A 298 -1.50 -14.68 -9.76
N LYS A 299 -1.37 -13.67 -10.63
CA LYS A 299 -0.07 -13.10 -10.97
C LYS A 299 0.39 -12.05 -9.97
N LEU A 300 -0.47 -11.64 -9.04
CA LEU A 300 -0.07 -10.79 -7.93
C LEU A 300 0.42 -11.59 -6.73
N LEU A 301 -0.30 -12.65 -6.37
CA LEU A 301 -0.03 -13.37 -5.14
C LEU A 301 0.94 -14.52 -5.39
N ARG A 302 2.21 -14.16 -5.57
CA ARG A 302 3.32 -15.12 -5.68
C ARG A 302 4.25 -14.94 -4.50
N TYR A 303 4.73 -16.06 -3.93
CA TYR A 303 5.75 -15.96 -2.90
C TYR A 303 6.94 -15.14 -3.37
N ASP A 304 7.47 -15.47 -4.53
CA ASP A 304 8.66 -14.81 -5.05
C ASP A 304 8.30 -13.42 -5.52
N HIS A 305 8.77 -12.39 -4.80
CA HIS A 305 8.46 -11.02 -5.16
C HIS A 305 8.88 -10.69 -6.58
N GLN A 306 9.92 -11.33 -7.09
CA GLN A 306 10.38 -11.04 -8.45
C GLN A 306 9.40 -11.52 -9.51
N ASP A 307 8.52 -12.47 -9.18
CA ASP A 307 7.56 -13.00 -10.14
C ASP A 307 6.25 -12.21 -10.21
N ARG A 308 5.98 -11.36 -9.22
CA ARG A 308 4.73 -10.59 -9.19
C ARG A 308 4.69 -9.55 -10.30
N LEU A 309 3.48 -9.30 -10.83
CA LEU A 309 3.31 -8.21 -11.79
C LEU A 309 3.83 -6.91 -11.19
N THR A 310 4.47 -6.09 -12.02
CA THR A 310 4.69 -4.70 -11.65
C THR A 310 3.38 -3.93 -11.83
N ALA A 311 3.33 -2.71 -11.28
CA ALA A 311 2.11 -1.91 -11.45
C ALA A 311 1.78 -1.69 -12.92
N LYS A 312 2.81 -1.47 -13.76
CA LYS A 312 2.58 -1.24 -15.19
C LYS A 312 2.06 -2.49 -15.89
N GLU A 313 2.63 -3.66 -15.56
CA GLU A 313 2.13 -4.90 -16.12
C GLU A 313 0.69 -5.15 -15.69
N ALA A 314 0.39 -4.87 -14.42
CA ALA A 314 -0.97 -5.06 -13.94
C ALA A 314 -1.95 -4.20 -14.73
N MET A 315 -1.64 -2.92 -14.90
CA MET A 315 -2.55 -2.03 -15.62
CA MET A 315 -2.53 -2.02 -15.63
C MET A 315 -2.79 -2.52 -17.05
N ALA A 316 -1.82 -3.24 -17.63
CA ALA A 316 -1.95 -3.77 -18.98
C ALA A 316 -2.72 -5.08 -19.06
N HIS A 317 -3.10 -5.65 -17.92
CA HIS A 317 -3.77 -6.95 -17.91
C HIS A 317 -5.15 -6.84 -18.55
N ALA A 318 -5.60 -7.95 -19.16
CA ALA A 318 -6.88 -7.94 -19.86
C ALA A 318 -8.03 -7.60 -18.92
N TYR A 319 -7.88 -7.87 -17.63
CA TYR A 319 -8.94 -7.57 -16.66
C TYR A 319 -9.35 -6.10 -16.71
N PHE A 320 -8.44 -5.20 -17.10
CA PHE A 320 -8.72 -3.78 -17.17
C PHE A 320 -9.03 -3.29 -18.58
N ALA A 321 -9.27 -4.19 -19.54
CA ALA A 321 -9.45 -3.77 -20.92
C ALA A 321 -10.52 -2.70 -21.06
N GLN A 322 -11.68 -2.90 -20.44
CA GLN A 322 -12.76 -1.91 -20.59
C GLN A 322 -12.42 -0.60 -19.89
N VAL A 323 -11.80 -0.67 -18.71
CA VAL A 323 -11.39 0.54 -18.01
C VAL A 323 -10.45 1.37 -18.88
N ARG A 324 -9.46 0.72 -19.48
CA ARG A 324 -8.54 1.45 -20.36
C ARG A 324 -9.28 2.08 -21.53
N ALA A 325 -10.23 1.37 -22.12
CA ALA A 325 -10.99 1.93 -23.24
C ALA A 325 -11.82 3.13 -22.80
N ALA A 326 -12.49 3.02 -21.64
CA ALA A 326 -13.24 4.15 -21.13
C ALA A 326 -12.33 5.33 -20.83
N GLU A 327 -11.11 5.06 -20.38
N GLU A 327 -11.11 5.05 -20.37
CA GLU A 327 -10.15 6.13 -20.13
CA GLU A 327 -10.14 6.12 -20.13
C GLU A 327 -9.59 6.69 -21.43
C GLU A 327 -9.62 6.69 -21.44
N THR A 328 -9.28 5.82 -22.40
CA THR A 328 -8.79 6.28 -23.69
C THR A 328 -9.78 7.22 -24.35
N SER A 329 -11.08 6.94 -24.23
CA SER A 329 -12.11 7.80 -24.78
C SER A 329 -12.17 9.10 -23.97
N ARG A 330 -11.18 9.96 -24.17
CA ARG A 330 -11.01 11.21 -23.44
C ARG A 330 -9.51 11.47 -23.23
N MET A 331 -8.75 11.39 -24.32
#